data_3WGP
#
_entry.id   3WGP
#
_cell.length_a   44.820
_cell.length_b   51.390
_cell.length_c   131.640
_cell.angle_alpha   90.000
_cell.angle_beta   90.000
_cell.angle_gamma   90.000
#
_symmetry.space_group_name_H-M   'P 21 21 21'
#
loop_
_entity.id
_entity.type
_entity.pdbx_description
1 polymer 'Vitamin D3 receptor'
2 non-polymer (1R,2R,3R,5Z,7E,14beta,17alpha)-2-(3-hydroxypropoxy)-9,10-secocholesta-5,7,10-triene-1,3,25-triol
3 water water
#
_entity_poly.entity_id   1
_entity_poly.type   'polypeptide(L)'
_entity_poly.pdbx_seq_one_letter_code
;LRPKLSEEQQRIIAILLDAHHKTYDPTYSDFCQFRPPVRVNDGGGSVTLELSQLSMLPHLADLVSYSIQKVIGFAKMIPG
FRDLTSEDQIVLLKSSAIEVIMLRSNESFTMDDMSWTCGNQDYKYRVSDVTKAGHSLELIEPLIKFQVGLKKLNLHEEEH
VLLMAICIVSPDRPGVQDAALIEAIQDRLSNTLQTYIRCRHPPPGSHLLYAKMIQKLADLRSLNEEHSKQYRCLSFQPEC
SMKLTPLVLEVFG
;
_entity_poly.pdbx_strand_id   A
#
# COMPACT_ATOMS: atom_id res chain seq x y z
N LEU A 1 -3.78 2.24 -32.23
CA LEU A 1 -3.08 0.96 -32.40
C LEU A 1 -3.14 0.15 -31.15
N ARG A 2 -3.33 -1.16 -31.32
CA ARG A 2 -3.43 -2.09 -30.22
C ARG A 2 -2.39 -3.20 -30.37
N PRO A 3 -1.07 -2.89 -30.21
CA PRO A 3 -0.07 -3.97 -30.34
C PRO A 3 -0.29 -5.07 -29.30
N LYS A 4 0.01 -6.30 -29.68
CA LYS A 4 -0.12 -7.45 -28.80
C LYS A 4 0.96 -7.37 -27.75
N LEU A 5 0.71 -7.99 -26.59
CA LEU A 5 1.72 -8.05 -25.54
C LEU A 5 2.87 -8.91 -26.05
N SER A 6 4.11 -8.45 -25.90
CA SER A 6 5.26 -9.24 -26.33
C SER A 6 5.39 -10.46 -25.37
N GLU A 7 6.27 -11.41 -25.72
CA GLU A 7 6.52 -12.57 -24.88
C GLU A 7 7.11 -12.10 -23.53
N GLU A 8 8.00 -11.08 -23.58
CA GLU A 8 8.60 -10.48 -22.40
C GLU A 8 7.53 -9.84 -21.51
N GLN A 9 6.63 -9.06 -22.11
CA GLN A 9 5.54 -8.41 -21.37
C GLN A 9 4.63 -9.43 -20.72
N GLN A 10 4.31 -10.52 -21.43
CA GLN A 10 3.53 -11.64 -20.90
C GLN A 10 4.23 -12.28 -19.70
N ARG A 11 5.56 -12.46 -19.78
CA ARG A 11 6.40 -13.02 -18.73
C ARG A 11 6.39 -12.08 -17.50
N ILE A 12 6.49 -10.76 -17.72
CA ILE A 12 6.49 -9.77 -16.63
C ILE A 12 5.17 -9.87 -15.88
N ILE A 13 4.04 -9.91 -16.61
CA ILE A 13 2.72 -10.05 -16.02
C ILE A 13 2.61 -11.35 -15.20
N ALA A 14 3.08 -12.50 -15.75
CA ALA A 14 3.04 -13.80 -15.06
C ALA A 14 3.84 -13.75 -13.76
N ILE A 15 5.04 -13.16 -13.81
CA ILE A 15 5.89 -13.05 -12.64
C ILE A 15 5.21 -12.22 -11.55
N LEU A 16 4.62 -11.07 -11.94
CA LEU A 16 3.96 -10.17 -11.01
C LEU A 16 2.70 -10.79 -10.41
N LEU A 17 1.90 -11.51 -11.20
CA LEU A 17 0.73 -12.18 -10.63
C LEU A 17 1.18 -13.23 -9.61
N ASP A 18 2.20 -14.04 -9.97
CA ASP A 18 2.76 -15.07 -9.08
C ASP A 18 3.33 -14.45 -7.81
N ALA A 19 4.06 -13.31 -7.93
CA ALA A 19 4.65 -12.64 -6.77
C ALA A 19 3.55 -12.16 -5.85
N HIS A 20 2.48 -11.58 -6.40
CA HIS A 20 1.36 -11.13 -5.59
C HIS A 20 0.65 -12.29 -4.92
N HIS A 21 0.37 -13.42 -5.64
CA HIS A 21 -0.30 -14.57 -5.02
C HIS A 21 0.51 -15.20 -3.89
N LYS A 22 1.84 -15.04 -3.92
CA LYS A 22 2.70 -15.62 -2.89
C LYS A 22 2.86 -14.69 -1.69
N THR A 23 2.49 -13.40 -1.85
CA THR A 23 2.71 -12.36 -0.82
C THR A 23 1.43 -11.69 -0.33
N TYR A 24 0.29 -12.08 -0.87
CA TYR A 24 -0.98 -11.55 -0.45
C TYR A 24 -1.91 -12.72 -0.18
N ASP A 25 -2.17 -13.00 1.10
CA ASP A 25 -3.06 -14.09 1.54
C ASP A 25 -4.48 -13.50 1.65
N PRO A 26 -5.38 -13.88 0.71
CA PRO A 26 -6.74 -13.33 0.73
C PRO A 26 -7.65 -13.94 1.80
N THR A 27 -7.11 -14.83 2.63
CA THR A 27 -7.83 -15.45 3.74
C THR A 27 -7.45 -14.77 5.04
N TYR A 28 -6.36 -13.94 5.03
CA TYR A 28 -5.93 -13.20 6.23
C TYR A 28 -5.68 -14.16 7.42
N SER A 29 -5.17 -15.35 7.12
CA SER A 29 -4.97 -16.44 8.08
C SER A 29 -3.86 -16.21 9.12
N ASP A 30 -2.98 -15.21 8.92
CA ASP A 30 -1.92 -14.91 9.89
C ASP A 30 -2.36 -13.83 10.88
N PHE A 31 -3.55 -13.22 10.67
CA PHE A 31 -4.00 -12.09 11.50
C PHE A 31 -4.16 -12.42 13.00
N CYS A 32 -4.46 -13.69 13.34
CA CYS A 32 -4.56 -14.15 14.73
C CYS A 32 -3.20 -14.08 15.44
N GLN A 33 -2.12 -14.00 14.67
CA GLN A 33 -0.76 -13.89 15.21
C GLN A 33 -0.38 -12.48 15.64
N PHE A 34 -1.15 -11.46 15.21
CA PHE A 34 -0.80 -10.06 15.57
C PHE A 34 -1.27 -9.79 16.98
N ARG A 35 -0.75 -8.73 17.65
CA ARG A 35 -1.27 -8.36 18.97
C ARG A 35 -2.77 -8.07 18.78
N PRO A 36 -3.64 -8.45 19.73
CA PRO A 36 -5.09 -8.35 19.46
C PRO A 36 -5.62 -6.93 19.29
N PRO A 37 -6.67 -6.77 18.45
CA PRO A 37 -7.32 -5.45 18.35
C PRO A 37 -8.02 -5.15 19.68
N VAL A 38 -7.98 -3.89 20.13
CA VAL A 38 -8.67 -3.46 21.35
C VAL A 38 -9.42 -2.22 20.93
N ARG A 39 -10.73 -2.19 21.16
CA ARG A 39 -11.51 -1.04 20.77
C ARG A 39 -12.08 -0.33 22.01
N VAL A 40 -11.41 0.76 22.45
CA VAL A 40 -11.87 1.52 23.63
C VAL A 40 -13.13 2.32 23.30
N ASN A 41 -13.91 2.69 24.32
CA ASN A 41 -15.13 3.48 24.08
C ASN A 41 -14.72 4.89 23.71
N ASP A 42 -14.90 5.25 22.43
CA ASP A 42 -14.50 6.56 21.92
C ASP A 42 -15.46 7.08 20.84
N GLY A 43 -16.76 7.02 21.15
CA GLY A 43 -17.81 7.52 20.27
C GLY A 43 -17.62 8.99 19.96
N GLY A 44 -16.98 9.71 20.88
CA GLY A 44 -16.70 11.14 20.71
C GLY A 44 -15.54 11.51 19.83
N GLY A 45 -14.72 10.51 19.46
CA GLY A 45 -13.52 10.72 18.66
C GLY A 45 -12.60 11.71 19.35
N SER A 46 -12.27 11.43 20.62
CA SER A 46 -11.42 12.31 21.44
C SER A 46 -9.95 12.06 21.16
N VAL A 47 -9.22 13.12 20.72
CA VAL A 47 -7.78 13.04 20.43
C VAL A 47 -7.00 12.68 21.70
N THR A 48 -7.35 13.32 22.85
CA THR A 48 -6.72 13.09 24.16
C THR A 48 -6.87 11.64 24.52
N LEU A 49 -8.10 11.11 24.45
CA LEU A 49 -8.37 9.71 24.73
C LEU A 49 -7.65 8.77 23.76
N GLU A 50 -7.67 9.07 22.45
CA GLU A 50 -7.04 8.18 21.47
C GLU A 50 -5.56 8.06 21.74
N LEU A 51 -4.88 9.21 22.01
CA LEU A 51 -3.45 9.22 22.28
C LEU A 51 -3.10 8.58 23.61
N SER A 52 -3.98 8.72 24.61
CA SER A 52 -3.76 8.13 25.93
C SER A 52 -3.77 6.60 25.85
N GLN A 53 -4.64 6.03 24.99
CA GLN A 53 -4.80 4.58 24.91
C GLN A 53 -4.09 3.92 23.71
N LEU A 54 -4.19 4.54 22.52
CA LEU A 54 -3.67 4.00 21.25
C LEU A 54 -4.05 2.51 21.19
N SER A 55 -5.32 2.20 21.55
CA SER A 55 -5.85 0.83 21.73
C SER A 55 -5.71 -0.05 20.50
N MET A 56 -5.88 0.53 19.28
CA MET A 56 -5.75 -0.22 18.04
C MET A 56 -4.35 -0.22 17.45
N LEU A 57 -3.44 0.57 18.03
CA LEU A 57 -2.10 0.72 17.48
C LEU A 57 -1.28 -0.57 17.50
N PRO A 58 -1.19 -1.40 18.57
CA PRO A 58 -0.36 -2.62 18.46
C PRO A 58 -0.84 -3.52 17.33
N HIS A 59 -2.17 -3.70 17.18
CA HIS A 59 -2.74 -4.56 16.13
C HIS A 59 -2.48 -4.01 14.73
N LEU A 60 -2.75 -2.71 14.50
CA LEU A 60 -2.54 -2.10 13.19
C LEU A 60 -1.07 -1.92 12.88
N ALA A 61 -0.22 -1.68 13.92
CA ALA A 61 1.24 -1.60 13.68
C ALA A 61 1.75 -2.99 13.26
N ASP A 62 1.22 -4.09 13.86
CA ASP A 62 1.65 -5.45 13.51
C ASP A 62 1.15 -5.78 12.10
N LEU A 63 -0.09 -5.39 11.80
CA LEU A 63 -0.67 -5.59 10.45
C LEU A 63 0.20 -4.90 9.40
N VAL A 64 0.51 -3.63 9.61
CA VAL A 64 1.34 -2.84 8.69
C VAL A 64 2.78 -3.38 8.58
N SER A 65 3.39 -3.75 9.72
CA SER A 65 4.76 -4.31 9.73
C SER A 65 4.77 -5.62 8.91
N TYR A 66 3.79 -6.51 9.17
CA TYR A 66 3.63 -7.79 8.44
C TYR A 66 3.50 -7.48 6.94
N SER A 67 2.67 -6.46 6.61
CA SER A 67 2.39 -6.02 5.23
C SER A 67 3.63 -5.46 4.57
N ILE A 68 4.46 -4.72 5.33
CA ILE A 68 5.73 -4.21 4.80
C ILE A 68 6.62 -5.40 4.44
N GLN A 69 6.64 -6.46 5.26
CA GLN A 69 7.46 -7.64 4.94
C GLN A 69 7.00 -8.26 3.63
N LYS A 70 5.66 -8.34 3.44
CA LYS A 70 5.08 -8.92 2.21
C LYS A 70 5.42 -8.08 0.98
N VAL A 71 5.34 -6.77 1.11
CA VAL A 71 5.71 -5.80 0.06
C VAL A 71 7.22 -5.95 -0.29
N ILE A 72 8.09 -6.16 0.71
CA ILE A 72 9.53 -6.35 0.41
C ILE A 72 9.70 -7.59 -0.49
N GLY A 73 9.01 -8.67 -0.13
CA GLY A 73 9.03 -9.93 -0.88
C GLY A 73 8.51 -9.74 -2.29
N PHE A 74 7.39 -8.99 -2.44
CA PHE A 74 6.81 -8.66 -3.74
C PHE A 74 7.82 -7.89 -4.59
N ALA A 75 8.35 -6.79 -4.04
CA ALA A 75 9.32 -5.92 -4.73
C ALA A 75 10.53 -6.69 -5.26
N LYS A 76 11.05 -7.63 -4.47
CA LYS A 76 12.22 -8.43 -4.85
C LYS A 76 11.95 -9.29 -6.09
N MET A 77 10.67 -9.59 -6.36
CA MET A 77 10.25 -10.39 -7.50
C MET A 77 9.90 -9.54 -8.74
N ILE A 78 9.92 -8.20 -8.62
CA ILE A 78 9.63 -7.34 -9.77
C ILE A 78 10.78 -7.49 -10.77
N PRO A 79 10.52 -7.89 -12.03
CA PRO A 79 11.62 -8.00 -13.01
C PRO A 79 12.43 -6.70 -13.09
N GLY A 80 13.72 -6.81 -12.81
CA GLY A 80 14.63 -5.67 -12.84
C GLY A 80 15.00 -5.08 -11.50
N PHE A 81 14.13 -5.23 -10.48
CA PHE A 81 14.41 -4.71 -9.13
C PHE A 81 15.74 -5.19 -8.57
N ARG A 82 16.07 -6.48 -8.73
CA ARG A 82 17.34 -7.03 -8.23
C ARG A 82 18.58 -6.48 -8.98
N ASP A 83 18.38 -5.82 -10.15
CA ASP A 83 19.44 -5.17 -10.94
C ASP A 83 19.86 -3.86 -10.28
N LEU A 84 18.99 -3.29 -9.42
CA LEU A 84 19.32 -2.06 -8.70
C LEU A 84 20.29 -2.38 -7.59
N THR A 85 21.02 -1.37 -7.12
CA THR A 85 21.92 -1.52 -5.98
C THR A 85 21.07 -1.74 -4.74
N SER A 86 21.64 -2.39 -3.71
CA SER A 86 20.98 -2.63 -2.43
C SER A 86 20.49 -1.30 -1.84
N GLU A 87 21.30 -0.22 -1.98
CA GLU A 87 20.97 1.12 -1.48
C GLU A 87 19.70 1.71 -2.14
N ASP A 88 19.59 1.58 -3.47
CA ASP A 88 18.43 2.08 -4.20
C ASP A 88 17.18 1.23 -3.91
N GLN A 89 17.36 -0.09 -3.73
CA GLN A 89 16.27 -1.01 -3.40
C GLN A 89 15.62 -0.57 -2.08
N ILE A 90 16.45 -0.29 -1.06
CA ILE A 90 16.01 0.14 0.27
C ILE A 90 15.35 1.52 0.24
N VAL A 91 15.91 2.46 -0.52
CA VAL A 91 15.34 3.82 -0.70
C VAL A 91 13.91 3.67 -1.25
N LEU A 92 13.74 2.87 -2.30
CA LEU A 92 12.44 2.69 -2.98
C LEU A 92 11.43 2.00 -2.07
N LEU A 93 11.88 0.99 -1.33
CA LEU A 93 11.03 0.25 -0.39
C LEU A 93 10.55 1.14 0.74
N LYS A 94 11.46 1.88 1.38
CA LYS A 94 11.08 2.77 2.47
C LYS A 94 10.14 3.87 2.04
N SER A 95 10.37 4.45 0.87
CA SER A 95 9.53 5.57 0.45
C SER A 95 8.16 5.13 -0.11
N SER A 96 8.05 3.92 -0.68
CA SER A 96 6.78 3.43 -1.25
C SER A 96 5.96 2.53 -0.32
N ALA A 97 6.60 1.91 0.73
CA ALA A 97 5.87 0.93 1.59
C ALA A 97 4.43 1.34 1.97
N ILE A 98 4.25 2.55 2.52
CA ILE A 98 2.91 3.00 2.94
C ILE A 98 1.93 3.11 1.73
N GLU A 99 2.44 3.57 0.58
CA GLU A 99 1.62 3.68 -0.64
C GLU A 99 1.23 2.31 -1.17
N VAL A 100 2.16 1.33 -1.17
CA VAL A 100 1.83 -0.03 -1.63
C VAL A 100 0.85 -0.68 -0.67
N ILE A 101 0.99 -0.41 0.64
CA ILE A 101 0.04 -0.92 1.63
C ILE A 101 -1.35 -0.34 1.33
N MET A 102 -1.40 0.96 1.05
CA MET A 102 -2.69 1.59 0.76
C MET A 102 -3.29 0.96 -0.52
N LEU A 103 -2.44 0.78 -1.58
CA LEU A 103 -2.90 0.10 -2.82
C LEU A 103 -3.40 -1.32 -2.58
N ARG A 104 -2.56 -2.19 -1.96
CA ARG A 104 -2.88 -3.59 -1.76
C ARG A 104 -4.08 -3.81 -0.84
N SER A 105 -4.36 -2.86 0.11
CA SER A 105 -5.48 -2.95 1.05
C SER A 105 -6.82 -2.83 0.34
N ASN A 106 -6.79 -2.34 -0.92
CA ASN A 106 -8.00 -2.23 -1.73
C ASN A 106 -8.68 -3.59 -1.95
N GLU A 107 -7.90 -4.69 -1.86
CA GLU A 107 -8.43 -6.04 -2.02
C GLU A 107 -9.35 -6.40 -0.84
N SER A 108 -9.02 -5.96 0.41
CA SER A 108 -9.88 -6.21 1.56
C SER A 108 -10.93 -5.10 1.76
N PHE A 109 -10.72 -3.95 1.12
CA PHE A 109 -11.68 -2.86 1.20
C PHE A 109 -13.00 -3.27 0.57
N THR A 110 -14.12 -2.90 1.20
CA THR A 110 -15.44 -3.18 0.65
C THR A 110 -16.31 -1.95 0.69
N MET A 111 -16.96 -1.67 -0.42
CA MET A 111 -17.94 -0.60 -0.54
C MET A 111 -19.27 -0.96 0.10
N ASP A 112 -19.45 -2.24 0.56
CA ASP A 112 -20.67 -2.65 1.26
C ASP A 112 -20.90 -1.71 2.48
N ASP A 113 -19.85 -1.49 3.30
CA ASP A 113 -19.95 -0.61 4.49
C ASP A 113 -18.74 0.30 4.67
N MET A 114 -17.92 0.47 3.60
CA MET A 114 -16.74 1.33 3.61
C MET A 114 -15.72 0.92 4.70
N SER A 115 -15.38 -0.34 4.74
CA SER A 115 -14.42 -0.87 5.69
C SER A 115 -13.43 -1.78 4.97
N TRP A 116 -12.35 -2.14 5.65
CA TRP A 116 -11.41 -3.15 5.19
C TRP A 116 -11.84 -4.34 6.01
N THR A 117 -12.43 -5.32 5.34
CA THR A 117 -12.95 -6.51 6.02
C THR A 117 -12.02 -7.71 5.81
N CYS A 118 -11.32 -8.11 6.87
CA CYS A 118 -10.37 -9.19 6.77
C CYS A 118 -10.82 -10.45 7.51
N GLY A 119 -12.06 -10.82 7.25
CA GLY A 119 -12.69 -12.01 7.83
C GLY A 119 -13.73 -11.62 8.84
N ASN A 120 -13.63 -12.21 10.04
CA ASN A 120 -14.57 -11.93 11.11
C ASN A 120 -14.53 -10.47 11.57
N GLN A 121 -15.53 -10.07 12.34
CA GLN A 121 -15.72 -8.72 12.88
C GLN A 121 -14.51 -8.18 13.63
N ASP A 122 -13.66 -9.06 14.27
CA ASP A 122 -12.44 -8.61 14.98
C ASP A 122 -11.46 -7.96 14.01
N TYR A 123 -11.35 -8.51 12.77
CA TYR A 123 -10.42 -8.01 11.75
C TYR A 123 -11.15 -7.16 10.69
N LYS A 124 -12.12 -6.36 11.15
CA LYS A 124 -12.83 -5.40 10.32
C LYS A 124 -12.37 -4.05 10.78
N TYR A 125 -11.81 -3.28 9.86
CA TYR A 125 -11.27 -1.97 10.19
C TYR A 125 -12.07 -0.87 9.54
N ARG A 126 -12.58 0.06 10.36
CA ARG A 126 -13.38 1.22 9.95
C ARG A 126 -12.62 2.47 10.28
N VAL A 127 -13.16 3.64 9.88
CA VAL A 127 -12.58 4.95 10.19
C VAL A 127 -12.25 5.02 11.70
N SER A 128 -13.21 4.60 12.56
CA SER A 128 -13.08 4.68 14.02
C SER A 128 -11.91 3.86 14.56
N ASP A 129 -11.54 2.74 13.87
CA ASP A 129 -10.40 1.93 14.30
C ASP A 129 -9.09 2.62 14.01
N VAL A 130 -9.04 3.42 12.93
CA VAL A 130 -7.83 4.14 12.54
C VAL A 130 -7.61 5.34 13.48
N THR A 131 -8.69 5.95 13.96
CA THR A 131 -8.57 7.05 14.92
C THR A 131 -8.08 6.51 16.26
N LYS A 132 -8.46 5.28 16.62
CA LYS A 132 -8.01 4.60 17.83
C LYS A 132 -6.53 4.17 17.72
N ALA A 133 -5.91 4.33 16.52
CA ALA A 133 -4.48 4.05 16.38
C ALA A 133 -3.67 5.36 16.36
N GLY A 134 -4.34 6.50 16.63
CA GLY A 134 -3.65 7.79 16.70
C GLY A 134 -3.65 8.68 15.47
N HIS A 135 -4.34 8.26 14.41
CA HIS A 135 -4.47 9.05 13.18
C HIS A 135 -5.73 9.89 13.22
N SER A 136 -5.75 10.94 12.39
CA SER A 136 -6.87 11.87 12.33
C SER A 136 -7.57 11.78 10.97
N LEU A 137 -8.75 12.44 10.88
CA LEU A 137 -9.63 12.48 9.69
C LEU A 137 -8.95 13.08 8.46
N GLU A 138 -7.96 13.98 8.65
CA GLU A 138 -7.21 14.61 7.54
C GLU A 138 -6.48 13.53 6.71
N LEU A 139 -6.22 12.36 7.31
CA LEU A 139 -5.61 11.25 6.58
C LEU A 139 -6.67 10.22 6.20
N ILE A 140 -7.53 9.83 7.15
CA ILE A 140 -8.51 8.73 6.97
C ILE A 140 -9.58 9.02 5.92
N GLU A 141 -10.20 10.19 5.96
CA GLU A 141 -11.25 10.52 4.98
C GLU A 141 -10.71 10.54 3.54
N PRO A 142 -9.57 11.19 3.21
CA PRO A 142 -9.04 11.08 1.84
C PRO A 142 -8.60 9.64 1.52
N LEU A 143 -8.16 8.88 2.55
CA LEU A 143 -7.77 7.50 2.32
C LEU A 143 -9.01 6.66 1.90
N ILE A 144 -10.17 6.86 2.58
CA ILE A 144 -11.42 6.14 2.21
C ILE A 144 -11.84 6.56 0.77
N LYS A 145 -11.73 7.86 0.46
CA LYS A 145 -12.05 8.42 -0.87
C LYS A 145 -11.19 7.73 -1.94
N PHE A 146 -9.88 7.59 -1.64
CA PHE A 146 -8.92 6.95 -2.53
C PHE A 146 -9.35 5.50 -2.76
N GLN A 147 -9.69 4.77 -1.67
CA GLN A 147 -10.11 3.37 -1.76
C GLN A 147 -11.31 3.21 -2.68
N VAL A 148 -12.34 4.08 -2.52
CA VAL A 148 -13.53 4.02 -3.38
C VAL A 148 -13.19 4.33 -4.85
N GLY A 149 -12.38 5.37 -5.08
CA GLY A 149 -11.94 5.75 -6.42
C GLY A 149 -11.18 4.63 -7.09
N LEU A 150 -10.38 3.91 -6.31
CA LEU A 150 -9.60 2.79 -6.83
C LEU A 150 -10.51 1.59 -7.08
N LYS A 151 -11.47 1.35 -6.18
CA LYS A 151 -12.40 0.22 -6.32
C LYS A 151 -13.23 0.37 -7.59
N LYS A 152 -13.62 1.62 -7.92
CA LYS A 152 -14.43 1.97 -9.08
C LYS A 152 -13.69 1.90 -10.41
N LEU A 153 -12.35 1.78 -10.40
CA LEU A 153 -11.59 1.60 -11.63
C LEU A 153 -11.78 0.16 -12.14
N ASN A 154 -12.22 -0.76 -11.25
CA ASN A 154 -12.47 -2.16 -11.55
C ASN A 154 -11.23 -2.81 -12.20
N LEU A 155 -10.05 -2.58 -11.60
CA LEU A 155 -8.81 -3.12 -12.15
C LEU A 155 -8.80 -4.62 -12.26
N HIS A 156 -8.25 -5.12 -13.36
CA HIS A 156 -7.99 -6.54 -13.56
C HIS A 156 -6.82 -6.76 -12.60
N GLU A 157 -6.64 -7.96 -12.08
CA GLU A 157 -5.51 -8.22 -11.20
C GLU A 157 -4.15 -7.90 -11.85
N GLU A 158 -4.05 -8.07 -13.19
CA GLU A 158 -2.87 -7.73 -13.97
C GLU A 158 -2.54 -6.23 -13.85
N GLU A 159 -3.55 -5.38 -13.90
CA GLU A 159 -3.39 -3.93 -13.81
C GLU A 159 -3.04 -3.53 -12.36
N HIS A 160 -3.66 -4.21 -11.39
CA HIS A 160 -3.43 -4.00 -9.96
C HIS A 160 -1.96 -4.30 -9.59
N VAL A 161 -1.43 -5.45 -10.02
CA VAL A 161 -0.04 -5.83 -9.68
C VAL A 161 0.95 -4.94 -10.42
N LEU A 162 0.64 -4.55 -11.68
CA LEU A 162 1.50 -3.63 -12.42
C LEU A 162 1.52 -2.27 -11.75
N LEU A 163 0.35 -1.77 -11.26
CA LEU A 163 0.31 -0.46 -10.59
C LEU A 163 1.21 -0.46 -9.33
N MET A 164 1.13 -1.53 -8.51
CA MET A 164 1.96 -1.61 -7.29
C MET A 164 3.45 -1.65 -7.67
N ALA A 165 3.81 -2.38 -8.74
CA ALA A 165 5.20 -2.46 -9.19
C ALA A 165 5.70 -1.09 -9.65
N ILE A 166 4.86 -0.37 -10.42
CA ILE A 166 5.19 0.97 -10.95
C ILE A 166 5.39 1.94 -9.76
N CYS A 167 4.51 1.83 -8.77
CA CYS A 167 4.56 2.64 -7.55
C CYS A 167 5.92 2.48 -6.82
N ILE A 168 6.37 1.26 -6.60
CA ILE A 168 7.66 0.94 -5.94
C ILE A 168 8.85 1.42 -6.79
N VAL A 169 8.88 1.10 -8.09
CA VAL A 169 10.02 1.49 -8.92
C VAL A 169 9.82 2.91 -9.52
N SER A 170 9.83 3.92 -8.65
CA SER A 170 9.63 5.31 -9.08
C SER A 170 10.97 6.04 -9.05
N PRO A 171 11.44 6.64 -10.17
CA PRO A 171 12.74 7.33 -10.14
C PRO A 171 12.73 8.64 -9.33
N ASP A 172 11.55 9.22 -9.13
CA ASP A 172 11.42 10.47 -8.38
C ASP A 172 11.11 10.23 -6.89
N ARG A 173 12.01 9.54 -6.22
CA ARG A 173 11.92 9.34 -4.78
C ARG A 173 13.16 10.03 -4.24
N PRO A 174 13.08 10.78 -3.13
CA PRO A 174 14.30 11.42 -2.60
C PRO A 174 15.36 10.41 -2.18
N GLY A 175 16.61 10.68 -2.54
CA GLY A 175 17.74 9.83 -2.18
C GLY A 175 18.11 8.73 -3.16
N VAL A 176 17.37 8.58 -4.28
CA VAL A 176 17.72 7.56 -5.29
C VAL A 176 19.04 7.95 -5.95
N GLN A 177 19.90 6.97 -6.22
CA GLN A 177 21.18 7.21 -6.85
C GLN A 177 21.09 7.03 -8.34
N ASP A 178 20.69 5.83 -8.80
CA ASP A 178 20.57 5.58 -10.24
C ASP A 178 19.14 5.74 -10.73
N ALA A 179 18.71 6.99 -10.81
CA ALA A 179 17.39 7.39 -11.28
C ALA A 179 17.13 6.90 -12.71
N ALA A 180 18.18 6.92 -13.60
CA ALA A 180 18.01 6.44 -14.99
C ALA A 180 17.67 4.95 -15.06
N LEU A 181 18.37 4.10 -14.28
CA LEU A 181 18.06 2.67 -14.25
C LEU A 181 16.66 2.40 -13.66
N ILE A 182 16.31 3.09 -12.57
CA ILE A 182 14.97 2.97 -11.95
C ILE A 182 13.90 3.35 -12.99
N GLU A 183 14.13 4.47 -13.71
CA GLU A 183 13.22 4.92 -14.78
C GLU A 183 13.12 3.91 -15.92
N ALA A 184 14.23 3.25 -16.32
CA ALA A 184 14.19 2.21 -17.38
C ALA A 184 13.32 1.03 -16.91
N ILE A 185 13.47 0.59 -15.64
CA ILE A 185 12.67 -0.51 -15.09
C ILE A 185 11.19 -0.09 -15.04
N GLN A 186 10.92 1.14 -14.59
CA GLN A 186 9.54 1.63 -14.52
C GLN A 186 8.91 1.75 -15.89
N ASP A 187 9.66 2.27 -16.89
CA ASP A 187 9.13 2.40 -18.25
C ASP A 187 8.75 1.06 -18.81
N ARG A 188 9.58 0.02 -18.54
CA ARG A 188 9.32 -1.35 -18.99
C ARG A 188 7.95 -1.82 -18.44
N LEU A 189 7.70 -1.55 -17.14
CA LEU A 189 6.44 -1.87 -16.46
C LEU A 189 5.26 -1.00 -16.98
N SER A 190 5.47 0.31 -17.17
CA SER A 190 4.45 1.24 -17.67
C SER A 190 4.02 0.87 -19.08
N ASN A 191 4.98 0.50 -19.97
CA ASN A 191 4.67 0.07 -21.34
C ASN A 191 3.89 -1.23 -21.30
N THR A 192 4.24 -2.15 -20.37
CA THR A 192 3.48 -3.40 -20.19
C THR A 192 2.02 -3.07 -19.82
N LEU A 193 1.85 -2.15 -18.86
CA LEU A 193 0.52 -1.76 -18.39
C LEU A 193 -0.30 -1.08 -19.52
N GLN A 194 0.31 -0.10 -20.18
CA GLN A 194 -0.33 0.62 -21.29
C GLN A 194 -0.77 -0.34 -22.40
N THR A 195 0.10 -1.29 -22.77
CA THR A 195 -0.19 -2.31 -23.80
C THR A 195 -1.31 -3.23 -23.33
N TYR A 196 -1.23 -3.72 -22.07
CA TYR A 196 -2.25 -4.58 -21.50
C TYR A 196 -3.60 -3.90 -21.54
N ILE A 197 -3.68 -2.64 -21.09
CA ILE A 197 -4.98 -1.91 -21.07
C ILE A 197 -5.56 -1.81 -22.51
N ARG A 198 -4.73 -1.43 -23.47
CA ARG A 198 -5.16 -1.24 -24.86
C ARG A 198 -5.67 -2.51 -25.54
N CYS A 199 -5.15 -3.70 -25.17
CA CYS A 199 -5.62 -4.88 -25.90
C CYS A 199 -6.41 -5.87 -25.05
N ARG A 200 -6.53 -5.66 -23.72
CA ARG A 200 -7.26 -6.63 -22.87
C ARG A 200 -8.40 -6.04 -22.07
N HIS A 201 -8.42 -4.71 -21.91
CA HIS A 201 -9.44 -4.08 -21.10
C HIS A 201 -10.66 -3.67 -21.93
N PRO A 202 -11.82 -4.34 -21.72
CA PRO A 202 -13.02 -4.03 -22.52
C PRO A 202 -13.62 -2.64 -22.26
N PRO A 203 -14.37 -2.06 -23.24
CA PRO A 203 -14.98 -0.73 -23.00
C PRO A 203 -16.23 -0.80 -22.12
N PRO A 204 -16.69 0.29 -21.46
CA PRO A 204 -16.15 1.67 -21.45
C PRO A 204 -15.04 1.92 -20.42
N LEU A 208 -9.12 6.13 -21.10
CA LEU A 208 -8.68 7.04 -20.03
C LEU A 208 -8.21 6.25 -18.78
N LEU A 209 -8.27 4.90 -18.81
CA LEU A 209 -7.90 4.10 -17.63
C LEU A 209 -6.44 4.30 -17.21
N TYR A 210 -5.51 4.35 -18.16
CA TYR A 210 -4.10 4.55 -17.80
C TYR A 210 -3.88 5.88 -17.07
N ALA A 211 -4.48 6.97 -17.59
CA ALA A 211 -4.37 8.28 -16.95
C ALA A 211 -5.02 8.27 -15.55
N LYS A 212 -6.13 7.51 -15.37
CA LYS A 212 -6.79 7.41 -14.06
C LYS A 212 -5.88 6.69 -13.06
N MET A 213 -5.17 5.67 -13.53
CA MET A 213 -4.22 4.89 -12.72
C MET A 213 -3.02 5.73 -12.32
N ILE A 214 -2.49 6.55 -13.25
CA ILE A 214 -1.36 7.45 -12.98
C ILE A 214 -1.81 8.55 -11.98
N GLN A 215 -3.08 9.02 -12.08
CA GLN A 215 -3.61 9.99 -11.13
C GLN A 215 -3.62 9.40 -9.68
N LYS A 216 -3.95 8.10 -9.54
CA LYS A 216 -3.91 7.41 -8.23
C LYS A 216 -2.52 7.43 -7.63
N LEU A 217 -1.47 7.30 -8.47
CA LEU A 217 -0.07 7.37 -8.01
C LEU A 217 0.25 8.74 -7.44
N ALA A 218 -0.26 9.82 -8.07
CA ALA A 218 -0.11 11.18 -7.55
C ALA A 218 -0.89 11.29 -6.23
N ASP A 219 -2.14 10.74 -6.16
CA ASP A 219 -2.93 10.79 -4.92
C ASP A 219 -2.19 10.10 -3.79
N LEU A 220 -1.51 8.99 -4.10
CA LEU A 220 -0.74 8.24 -3.11
C LEU A 220 0.38 9.04 -2.48
N ARG A 221 1.05 9.94 -3.26
CA ARG A 221 2.12 10.84 -2.77
C ARG A 221 1.57 11.77 -1.71
N SER A 222 0.35 12.33 -1.93
CA SER A 222 -0.29 13.23 -0.96
C SER A 222 -0.65 12.47 0.30
N LEU A 223 -1.18 11.25 0.16
CA LEU A 223 -1.54 10.39 1.29
C LEU A 223 -0.30 10.01 2.08
N ASN A 224 0.81 9.70 1.39
CA ASN A 224 2.10 9.35 1.98
C ASN A 224 2.58 10.54 2.85
N GLU A 225 2.52 11.77 2.28
CA GLU A 225 2.98 12.96 2.99
C GLU A 225 2.16 13.23 4.25
N GLU A 226 0.82 13.08 4.16
CA GLU A 226 -0.05 13.26 5.32
C GLU A 226 0.22 12.17 6.37
N HIS A 227 0.42 10.92 5.94
CA HIS A 227 0.73 9.84 6.89
C HIS A 227 2.03 10.12 7.63
N SER A 228 3.06 10.63 6.91
CA SER A 228 4.35 10.93 7.51
C SER A 228 4.19 12.00 8.61
N LYS A 229 3.42 13.08 8.35
CA LYS A 229 3.18 14.15 9.31
C LYS A 229 2.51 13.59 10.56
N GLN A 230 1.47 12.76 10.34
CA GLN A 230 0.70 12.14 11.43
C GLN A 230 1.51 11.12 12.22
N TYR A 231 2.33 10.30 11.54
CA TYR A 231 3.20 9.32 12.19
C TYR A 231 4.16 10.08 13.17
N ARG A 232 4.75 11.19 12.70
CA ARG A 232 5.64 12.03 13.50
C ARG A 232 4.95 12.41 14.83
N CYS A 233 3.65 12.86 14.78
CA CYS A 233 2.86 13.24 15.98
C CYS A 233 2.67 12.04 16.86
N LEU A 234 2.26 10.92 16.25
CA LEU A 234 2.05 9.66 16.95
C LEU A 234 3.32 9.26 17.70
N SER A 235 4.48 9.41 17.06
CA SER A 235 5.78 9.02 17.63
C SER A 235 6.17 9.84 18.89
N PHE A 236 5.55 11.02 19.08
CA PHE A 236 5.83 11.86 20.26
C PHE A 236 5.12 11.33 21.50
N GLN A 237 4.16 10.39 21.32
CA GLN A 237 3.43 9.84 22.45
C GLN A 237 4.32 8.97 23.31
N PRO A 238 4.49 9.27 24.61
CA PRO A 238 5.40 8.46 25.43
C PRO A 238 5.01 6.98 25.40
N GLU A 239 5.99 6.09 25.25
CA GLU A 239 5.82 4.63 25.19
C GLU A 239 5.20 4.14 23.86
N CYS A 240 5.15 5.02 22.83
CA CYS A 240 4.59 4.65 21.52
C CYS A 240 5.41 3.56 20.80
N SER A 241 6.76 3.62 20.90
CA SER A 241 7.67 2.68 20.24
C SER A 241 7.36 1.22 20.56
N MET A 242 6.96 0.94 21.81
CA MET A 242 6.58 -0.40 22.25
C MET A 242 5.29 -0.87 21.55
N LYS A 243 4.44 0.09 21.13
CA LYS A 243 3.19 -0.24 20.43
C LYS A 243 3.44 -0.43 18.93
N LEU A 244 4.64 -0.09 18.47
CA LEU A 244 5.01 -0.23 17.08
C LEU A 244 5.86 -1.49 16.92
N THR A 245 6.68 -1.57 15.88
CA THR A 245 7.61 -2.69 15.66
C THR A 245 8.93 -2.08 15.19
N PRO A 246 10.07 -2.79 15.34
CA PRO A 246 11.34 -2.25 14.80
C PRO A 246 11.29 -1.87 13.32
N LEU A 247 10.61 -2.68 12.46
CA LEU A 247 10.50 -2.41 11.04
C LEU A 247 9.72 -1.13 10.79
N VAL A 248 8.59 -0.97 11.49
CA VAL A 248 7.74 0.26 11.37
C VAL A 248 8.54 1.50 11.80
N LEU A 249 9.24 1.40 12.94
CA LEU A 249 10.06 2.49 13.46
C LEU A 249 11.11 2.94 12.45
N GLU A 250 11.76 1.98 11.80
CA GLU A 250 12.78 2.27 10.82
C GLU A 250 12.20 2.85 9.51
N VAL A 251 11.13 2.24 8.98
CA VAL A 251 10.51 2.70 7.73
C VAL A 251 9.97 4.14 7.86
N PHE A 252 9.31 4.44 8.97
CA PHE A 252 8.67 5.73 9.15
C PHE A 252 9.44 6.73 10.01
N GLY A 253 10.52 6.30 10.65
CA GLY A 253 11.36 7.18 11.49
C GLY A 253 12.15 8.21 10.67
#